data_8YZS
#
_entry.id   8YZS
#
_cell.length_a   77.126
_cell.length_b   83.883
_cell.length_c   133.845
_cell.angle_alpha   90.000
_cell.angle_beta   90.000
_cell.angle_gamma   90.000
#
_symmetry.space_group_name_H-M   'P 21 21 21'
#
loop_
_entity.id
_entity.type
_entity.pdbx_description
1 polymer 'Nucleus accumbens-associated protein 1'
2 polymer 'CATG-containing DNA'
3 water water
#
loop_
_entity_poly.entity_id
_entity_poly.type
_entity_poly.pdbx_seq_one_letter_code
_entity_poly.pdbx_strand_id
1 'polypeptide(L)'
;GSASLPAELINQIGNRCHPKLYDEGDPSEKLELVTGTNVYITRAQL(MSE)NCHVSAGTRHKVLLRRLLASFFDRNTLAN
SCGTGIRSSTNDPRRKPLDSRVLHAVKYYCQNFAPNFKESE(MSE)NAIAAD(MSE)CTNARRVVRKSW(MSE)P
;
A,B,C,D
2 'polydeoxyribonucleotide' (DT)(DT)(DT)(DA)(DC)(DA)(DT)(DG)(DT)(DA)(DA) E,F,G,H
#
# COMPACT_ATOMS: atom_id res chain seq x y z
N ALA A 7 -29.32 22.12 15.49
CA ALA A 7 -30.65 21.60 15.78
C ALA A 7 -30.82 21.33 17.26
N GLU A 8 -32.05 21.51 17.72
CA GLU A 8 -32.49 21.26 19.08
C GLU A 8 -32.44 19.77 19.45
N LEU A 9 -32.11 18.89 18.51
CA LEU A 9 -32.13 17.45 18.77
C LEU A 9 -30.76 16.84 19.07
N ILE A 10 -29.66 17.57 18.83
CA ILE A 10 -28.32 16.99 18.96
C ILE A 10 -28.05 16.52 20.38
N ASN A 11 -28.46 17.31 21.39
CA ASN A 11 -28.14 16.97 22.77
C ASN A 11 -28.83 15.67 23.23
N GLN A 12 -29.96 15.31 22.62
CA GLN A 12 -30.74 14.16 23.10
C GLN A 12 -29.99 12.85 22.85
N ILE A 13 -30.16 11.91 23.78
CA ILE A 13 -29.70 10.53 23.56
C ILE A 13 -30.28 9.97 22.28
N GLY A 14 -31.54 10.28 22.01
CA GLY A 14 -32.21 9.82 20.82
C GLY A 14 -32.70 8.39 20.97
N ASN A 15 -33.39 7.93 19.94
CA ASN A 15 -33.72 6.52 19.90
C ASN A 15 -32.42 5.75 19.66
N ARG A 16 -32.39 4.49 20.10
CA ARG A 16 -31.14 3.75 19.99
C ARG A 16 -31.17 2.83 18.77
N CYS A 17 -31.62 3.37 17.64
CA CYS A 17 -31.82 2.66 16.38
C CYS A 17 -30.99 3.32 15.29
N HIS A 18 -30.98 2.67 14.13
CA HIS A 18 -30.25 3.21 12.99
C HIS A 18 -30.70 4.64 12.69
N PRO A 19 -29.78 5.59 12.57
CA PRO A 19 -30.20 7.00 12.37
C PRO A 19 -31.07 7.18 11.13
N LYS A 20 -30.66 6.59 10.00
CA LYS A 20 -31.43 6.70 8.76
C LYS A 20 -32.70 5.85 8.74
N LEU A 21 -32.97 5.07 9.78
CA LEU A 21 -34.03 4.07 9.70
C LEU A 21 -35.37 4.71 9.40
N TYR A 22 -35.68 5.81 10.10
CA TYR A 22 -36.96 6.49 9.95
C TYR A 22 -36.89 7.63 8.94
N ASP A 23 -35.70 7.98 8.47
CA ASP A 23 -35.53 8.88 7.32
C ASP A 23 -36.39 8.39 6.18
N GLU A 24 -37.46 9.11 5.86
CA GLU A 24 -38.29 8.81 4.70
C GLU A 24 -37.41 8.59 3.47
N GLY A 25 -37.43 7.36 2.95
CA GLY A 25 -36.49 6.99 1.90
C GLY A 25 -36.88 5.68 1.26
N ASP A 26 -36.05 5.28 0.30
CA ASP A 26 -36.31 4.06 -0.46
C ASP A 26 -36.27 2.85 0.47
N PRO A 27 -37.29 1.98 0.44
CA PRO A 27 -37.25 0.80 1.33
C PRO A 27 -36.18 -0.21 0.94
N SER A 28 -35.76 -0.24 -0.32
CA SER A 28 -34.72 -1.17 -0.76
C SER A 28 -33.32 -0.64 -0.51
N GLU A 29 -33.19 0.60 -0.05
CA GLU A 29 -31.88 1.13 0.23
C GLU A 29 -31.18 0.27 1.28
N LYS A 30 -29.90 0.01 1.06
CA LYS A 30 -29.11 -0.85 1.91
C LYS A 30 -28.42 0.01 2.96
N LEU A 31 -28.78 -0.18 4.23
CA LEU A 31 -28.16 0.56 5.31
C LEU A 31 -27.01 -0.24 5.88
N GLU A 32 -25.91 0.44 6.19
CA GLU A 32 -24.86 -0.21 6.95
C GLU A 32 -25.31 -0.26 8.40
N LEU A 33 -25.49 -1.48 8.93
CA LEU A 33 -26.11 -1.64 10.25
C LEU A 33 -25.31 -0.94 11.33
N VAL A 34 -24.00 -1.13 11.34
CA VAL A 34 -23.10 -0.46 12.26
C VAL A 34 -21.96 0.11 11.44
N THR A 35 -21.59 1.36 11.74
CA THR A 35 -20.68 2.11 10.87
C THR A 35 -19.33 1.42 10.79
N GLY A 36 -18.84 1.21 9.57
CA GLY A 36 -17.53 0.60 9.40
C GLY A 36 -17.46 -0.91 9.59
N THR A 37 -18.61 -1.59 9.65
CA THR A 37 -18.58 -3.05 9.73
C THR A 37 -18.73 -3.74 8.38
N ASN A 38 -19.25 -3.03 7.36
CA ASN A 38 -19.56 -3.63 6.06
C ASN A 38 -20.62 -4.73 6.21
N VAL A 39 -21.58 -4.48 7.08
CA VAL A 39 -22.75 -5.33 7.21
C VAL A 39 -23.96 -4.49 6.78
N TYR A 40 -24.68 -4.96 5.77
CA TYR A 40 -25.79 -4.20 5.20
C TYR A 40 -27.10 -4.94 5.32
N ILE A 41 -28.18 -4.15 5.38
CA ILE A 41 -29.54 -4.63 5.48
C ILE A 41 -30.43 -3.57 4.83
N THR A 42 -31.53 -3.99 4.22
CA THR A 42 -32.41 -2.98 3.65
C THR A 42 -33.19 -2.26 4.75
N ARG A 43 -33.49 -0.99 4.49
CA ARG A 43 -34.36 -0.22 5.39
C ARG A 43 -35.63 -1.00 5.71
N ALA A 44 -36.31 -1.51 4.68
CA ALA A 44 -37.53 -2.28 4.89
C ALA A 44 -37.30 -3.46 5.82
N GLN A 45 -36.19 -4.19 5.64
CA GLN A 45 -36.01 -5.37 6.47
C GLN A 45 -35.64 -4.97 7.90
N LEU A 46 -34.78 -3.97 8.07
CA LEU A 46 -34.49 -3.49 9.41
C LEU A 46 -35.77 -2.99 10.10
N ASN A 48 -38.75 -3.98 9.46
CA ASN A 48 -39.50 -5.19 9.76
C ASN A 48 -39.02 -5.84 11.06
N CYS A 49 -37.69 -5.84 11.30
CA CYS A 49 -37.17 -6.39 12.54
C CYS A 49 -37.63 -5.59 13.75
N HIS A 50 -37.65 -4.26 13.63
CA HIS A 50 -38.00 -3.42 14.78
C HIS A 50 -39.49 -3.49 15.08
N VAL A 51 -40.33 -3.49 14.05
CA VAL A 51 -41.77 -3.62 14.26
C VAL A 51 -42.07 -4.93 14.97
N SER A 52 -41.56 -6.04 14.44
CA SER A 52 -41.78 -7.35 15.05
C SER A 52 -41.35 -7.34 16.52
N ALA A 53 -40.19 -6.75 16.83
CA ALA A 53 -39.65 -6.81 18.19
C ALA A 53 -40.33 -5.84 19.15
N GLY A 54 -40.59 -4.60 18.70
CA GLY A 54 -41.02 -3.56 19.60
C GLY A 54 -39.93 -3.24 20.59
N THR A 55 -40.26 -3.32 21.87
CA THR A 55 -39.26 -3.07 22.90
C THR A 55 -38.52 -4.32 23.33
N ARG A 56 -38.88 -5.48 22.79
CA ARG A 56 -38.25 -6.73 23.20
C ARG A 56 -36.89 -6.84 22.51
N HIS A 57 -35.82 -6.43 23.22
CA HIS A 57 -34.51 -6.57 22.60
C HIS A 57 -34.18 -8.03 22.26
N LYS A 58 -34.80 -9.01 22.94
CA LYS A 58 -34.45 -10.39 22.67
C LYS A 58 -34.98 -10.83 21.32
N VAL A 59 -36.18 -10.38 20.97
CA VAL A 59 -36.77 -10.70 19.68
C VAL A 59 -36.06 -9.90 18.59
N LEU A 60 -35.59 -8.70 18.91
CA LEU A 60 -34.89 -7.91 17.90
C LEU A 60 -33.62 -8.63 17.46
N LEU A 61 -32.83 -9.11 18.43
CA LEU A 61 -31.71 -9.98 18.12
C LEU A 61 -32.14 -11.12 17.17
N ARG A 62 -33.24 -11.81 17.51
CA ARG A 62 -33.65 -13.01 16.77
C ARG A 62 -34.04 -12.68 15.33
N ARG A 63 -34.72 -11.55 15.12
CA ARG A 63 -35.15 -11.18 13.77
C ARG A 63 -33.98 -10.68 12.93
N LEU A 64 -33.05 -9.94 13.54
CA LEU A 64 -31.84 -9.57 12.82
C LEU A 64 -31.03 -10.79 12.42
N LEU A 65 -30.87 -11.76 13.32
CA LEU A 65 -30.07 -12.93 12.99
C LEU A 65 -30.72 -13.72 11.87
N ALA A 66 -32.05 -13.83 11.88
CA ALA A 66 -32.76 -14.54 10.81
C ALA A 66 -32.72 -13.77 9.51
N SER A 67 -32.45 -12.47 9.57
CA SER A 67 -32.33 -11.67 8.36
C SER A 67 -31.05 -11.99 7.60
N PHE A 68 -29.99 -12.40 8.30
CA PHE A 68 -28.73 -12.71 7.64
C PHE A 68 -28.47 -14.20 7.46
N PHE A 69 -29.12 -15.05 8.26
CA PHE A 69 -28.75 -16.46 8.36
C PHE A 69 -30.02 -17.29 8.17
N ASP A 70 -30.11 -18.02 7.07
CA ASP A 70 -31.26 -18.87 6.84
C ASP A 70 -31.12 -20.13 7.70
N ARG A 71 -32.14 -20.98 7.67
CA ARG A 71 -32.22 -22.13 8.57
C ARG A 71 -31.07 -23.12 8.37
N ASN A 72 -30.69 -23.37 7.12
CA ASN A 72 -29.62 -24.32 6.86
C ASN A 72 -28.26 -23.78 7.34
N THR A 73 -28.01 -22.47 7.19
CA THR A 73 -26.80 -21.89 7.76
C THR A 73 -26.83 -21.96 9.28
N LEU A 74 -27.98 -21.67 9.89
CA LEU A 74 -28.08 -21.78 11.35
C LEU A 74 -27.85 -23.21 11.81
N ALA A 75 -28.43 -24.18 11.10
CA ALA A 75 -28.32 -25.57 11.52
C ALA A 75 -26.88 -26.08 11.44
N ASN A 76 -26.07 -25.49 10.56
CA ASN A 76 -24.69 -25.92 10.38
C ASN A 76 -23.71 -25.03 11.11
N SER A 77 -24.18 -24.21 12.04
CA SER A 77 -23.32 -23.27 12.74
C SER A 77 -23.27 -23.63 14.21
N CYS A 78 -22.16 -23.29 14.86
CA CYS A 78 -22.00 -23.46 16.30
C CYS A 78 -22.31 -22.17 17.07
N GLY A 79 -23.37 -21.47 16.67
CA GLY A 79 -23.68 -20.19 17.28
C GLY A 79 -22.50 -19.22 17.15
N THR A 80 -22.20 -18.52 18.24
CA THR A 80 -21.15 -17.52 18.14
C THR A 80 -19.78 -18.15 17.93
N GLY A 81 -19.56 -19.35 18.47
CA GLY A 81 -18.28 -20.01 18.30
C GLY A 81 -17.19 -19.50 19.20
N ILE A 82 -17.53 -19.02 20.40
CA ILE A 82 -16.50 -18.67 21.37
C ILE A 82 -15.62 -19.88 21.66
N ARG A 83 -16.23 -21.04 21.89
CA ARG A 83 -15.55 -22.31 21.79
C ARG A 83 -16.06 -23.05 20.56
N SER A 84 -15.35 -24.10 20.19
CA SER A 84 -15.83 -24.90 19.09
C SER A 84 -17.04 -25.73 19.54
N SER A 85 -17.64 -26.42 18.58
CA SER A 85 -18.84 -27.18 18.87
C SER A 85 -18.52 -28.40 19.74
N THR A 86 -19.46 -28.72 20.62
CA THR A 86 -19.36 -29.91 21.46
C THR A 86 -19.66 -31.18 20.66
N ASN A 87 -20.61 -31.11 19.73
CA ASN A 87 -21.23 -32.22 19.02
C ASN A 87 -20.52 -32.57 17.72
N ASP A 88 -20.26 -31.57 16.89
CA ASP A 88 -19.88 -31.77 15.49
C ASP A 88 -18.83 -30.72 15.17
N PRO A 89 -17.55 -31.09 15.19
CA PRO A 89 -16.48 -30.07 15.01
C PRO A 89 -16.46 -29.46 13.61
N ARG A 90 -17.20 -30.01 12.65
CA ARG A 90 -17.33 -29.40 11.33
C ARG A 90 -18.22 -28.15 11.31
N ARG A 91 -18.88 -27.81 12.42
CA ARG A 91 -19.81 -26.68 12.42
C ARG A 91 -19.03 -25.39 12.57
N LYS A 92 -19.17 -24.51 11.62
CA LYS A 92 -18.40 -23.27 11.72
C LYS A 92 -19.18 -22.24 12.53
N PRO A 93 -18.49 -21.28 13.16
CA PRO A 93 -19.21 -20.19 13.82
C PRO A 93 -20.04 -19.41 12.82
N LEU A 94 -21.13 -18.81 13.32
CA LEU A 94 -21.84 -17.86 12.50
C LEU A 94 -20.90 -16.73 12.14
N ASP A 95 -21.07 -16.18 10.95
CA ASP A 95 -20.20 -15.14 10.40
C ASP A 95 -19.85 -14.10 11.47
N SER A 96 -18.57 -14.06 11.82
CA SER A 96 -18.14 -13.28 12.98
C SER A 96 -18.35 -11.79 12.76
N ARG A 97 -18.15 -11.31 11.54
CA ARG A 97 -18.39 -9.89 11.26
C ARG A 97 -19.87 -9.56 11.37
N VAL A 98 -20.74 -10.43 10.87
CA VAL A 98 -22.16 -10.12 10.97
C VAL A 98 -22.60 -10.20 12.43
N LEU A 99 -22.15 -11.22 13.15
CA LEU A 99 -22.55 -11.40 14.54
C LEU A 99 -22.17 -10.20 15.41
N HIS A 100 -20.93 -9.69 15.25
CA HIS A 100 -20.49 -8.55 16.05
C HIS A 100 -21.34 -7.32 15.75
N ALA A 101 -21.62 -7.08 14.48
CA ALA A 101 -22.41 -5.91 14.16
C ALA A 101 -23.81 -6.04 14.73
N VAL A 102 -24.42 -7.21 14.55
CA VAL A 102 -25.78 -7.41 15.06
C VAL A 102 -25.81 -7.22 16.58
N LYS A 103 -24.85 -7.84 17.27
CA LYS A 103 -24.82 -7.75 18.73
C LYS A 103 -24.53 -6.31 19.18
N TYR A 104 -23.54 -5.66 18.55
CA TYR A 104 -23.28 -4.26 18.88
C TYR A 104 -24.53 -3.41 18.66
N TYR A 105 -25.28 -3.68 17.58
CA TYR A 105 -26.51 -2.93 17.34
C TYR A 105 -27.57 -3.19 18.42
N CYS A 106 -27.65 -4.42 18.93
CA CYS A 106 -28.68 -4.71 19.93
C CYS A 106 -28.24 -4.27 21.32
N GLN A 107 -26.96 -4.45 21.67
CA GLN A 107 -26.47 -3.93 22.94
C GLN A 107 -26.58 -2.41 22.96
N ASN A 108 -26.46 -1.78 21.81
CA ASN A 108 -26.70 -0.34 21.76
C ASN A 108 -28.19 0.01 21.80
N PHE A 109 -29.07 -0.85 21.25
CA PHE A 109 -30.51 -0.62 21.35
C PHE A 109 -31.03 -0.85 22.77
N ALA A 110 -30.35 -1.65 23.58
CA ALA A 110 -30.81 -2.01 24.92
C ALA A 110 -29.56 -2.21 25.76
N PRO A 111 -29.10 -1.16 26.45
CA PRO A 111 -27.79 -1.26 27.10
C PRO A 111 -27.71 -2.29 28.22
N ASN A 112 -28.83 -2.82 28.73
CA ASN A 112 -28.76 -3.88 29.75
C ASN A 112 -28.58 -5.28 29.16
N PHE A 113 -28.73 -5.48 27.86
CA PHE A 113 -28.54 -6.76 27.21
C PHE A 113 -27.12 -7.18 27.41
N LYS A 114 -26.86 -8.30 27.98
CA LYS A 114 -25.49 -8.73 28.20
C LYS A 114 -24.99 -9.62 27.05
N GLU A 115 -23.66 -9.61 26.87
CA GLU A 115 -23.00 -10.48 25.91
C GLU A 115 -23.44 -11.93 26.07
N SER A 116 -23.56 -12.39 27.32
CA SER A 116 -23.85 -13.80 27.50
C SER A 116 -25.32 -14.11 27.19
N GLU A 117 -26.22 -13.17 27.39
CA GLU A 117 -27.60 -13.41 26.95
C GLU A 117 -27.68 -13.43 25.43
N ASN A 119 -25.24 -14.26 23.28
CA ASN A 119 -24.69 -15.51 22.77
C ASN A 119 -25.63 -16.68 23.01
N ALA A 120 -26.39 -16.65 24.11
CA ALA A 120 -27.29 -17.74 24.43
C ALA A 120 -28.44 -17.81 23.44
N ILE A 121 -28.94 -16.64 23.01
CA ILE A 121 -29.97 -16.58 21.98
C ILE A 121 -29.42 -17.03 20.63
N ALA A 122 -28.20 -16.63 20.28
CA ALA A 122 -27.62 -17.07 19.03
C ALA A 122 -27.44 -18.59 18.99
N ALA A 123 -27.05 -19.18 20.12
CA ALA A 123 -26.92 -20.65 20.15
C ALA A 123 -28.27 -21.32 20.01
N ASP A 124 -29.32 -20.70 20.56
CA ASP A 124 -30.66 -21.27 20.50
C ASP A 124 -31.25 -21.20 19.08
N CYS A 126 -29.55 -21.66 16.26
CA CYS A 126 -28.94 -22.82 15.64
C CYS A 126 -29.54 -24.11 16.19
N THR A 127 -29.73 -24.14 17.50
CA THR A 127 -30.33 -25.30 18.14
C THR A 127 -31.77 -25.52 17.65
N ASN A 128 -32.53 -24.46 17.44
CA ASN A 128 -33.86 -24.61 16.88
C ASN A 128 -33.79 -25.01 15.41
N ALA A 129 -32.83 -24.48 14.67
CA ALA A 129 -32.74 -24.83 13.25
C ALA A 129 -32.48 -26.32 13.08
N ARG A 130 -31.65 -26.92 13.94
CA ARG A 130 -31.36 -28.35 13.87
C ARG A 130 -32.54 -29.22 14.26
N ARG A 131 -33.36 -28.77 15.23
CA ARG A 131 -34.51 -29.60 15.58
C ARG A 131 -35.59 -29.56 14.52
N VAL A 132 -35.51 -28.66 13.55
CA VAL A 132 -36.53 -28.53 12.51
C VAL A 132 -36.06 -29.15 11.19
N VAL A 133 -34.82 -28.86 10.76
CA VAL A 133 -34.24 -29.46 9.56
C VAL A 133 -34.47 -30.97 9.60
N ARG A 134 -35.08 -31.49 8.55
CA ARG A 134 -35.38 -32.91 8.51
C ARG A 134 -34.12 -33.66 8.12
N LYS A 135 -33.77 -34.68 8.89
CA LYS A 135 -32.57 -35.44 8.61
C LYS A 135 -32.80 -36.30 7.37
N SER A 136 -31.69 -36.73 6.76
CA SER A 136 -31.77 -37.53 5.54
C SER A 136 -32.41 -38.88 5.81
N TRP A 137 -33.18 -39.36 4.83
CA TRP A 137 -33.80 -40.68 4.94
C TRP A 137 -32.95 -41.81 4.35
N PRO A 139 -29.66 -44.54 4.43
CA PRO A 139 -29.14 -45.30 5.58
C PRO A 139 -27.93 -44.65 6.22
N ASN B 11 19.16 31.59 -25.92
CA ASN B 11 20.15 32.53 -26.42
C ASN B 11 20.74 33.36 -25.28
N GLN B 12 19.87 33.89 -24.42
CA GLN B 12 20.30 34.78 -23.34
C GLN B 12 20.07 34.07 -22.01
N ILE B 13 20.99 33.17 -21.72
CA ILE B 13 21.25 32.64 -20.39
C ILE B 13 22.43 33.36 -19.74
N GLY B 14 23.17 34.16 -20.51
CA GLY B 14 24.49 34.64 -20.12
C GLY B 14 25.58 33.83 -20.80
N ASN B 15 26.82 34.29 -20.63
CA ASN B 15 27.95 33.61 -21.22
C ASN B 15 28.37 32.40 -20.40
N ARG B 16 28.39 32.57 -19.09
CA ARG B 16 28.99 31.63 -18.17
C ARG B 16 28.27 30.42 -17.64
N CYS B 17 27.60 29.70 -18.52
CA CYS B 17 26.89 28.51 -18.12
C CYS B 17 27.63 27.25 -18.56
N HIS B 18 26.99 26.09 -18.38
CA HIS B 18 27.58 24.85 -18.85
C HIS B 18 27.91 24.94 -20.34
N PRO B 19 29.09 24.49 -20.76
CA PRO B 19 29.44 24.62 -22.19
C PRO B 19 28.45 23.94 -23.11
N LYS B 20 28.04 22.71 -22.78
CA LYS B 20 27.14 21.93 -23.62
C LYS B 20 25.70 22.41 -23.57
N LEU B 21 25.40 23.50 -22.85
CA LEU B 21 24.02 23.93 -22.69
C LEU B 21 23.46 24.49 -23.99
N TYR B 22 24.29 25.24 -24.74
CA TYR B 22 23.84 25.90 -25.95
C TYR B 22 23.79 24.96 -27.17
N ASP B 23 24.55 23.87 -27.17
CA ASP B 23 24.46 22.88 -28.23
C ASP B 23 23.05 22.31 -28.31
N GLU B 24 22.56 22.10 -29.52
CA GLU B 24 21.16 21.74 -29.73
C GLU B 24 20.88 20.25 -29.54
N GLY B 25 21.60 19.60 -28.62
CA GLY B 25 21.45 18.18 -28.40
C GLY B 25 20.12 17.82 -27.74
N ASP B 26 20.04 16.55 -27.32
CA ASP B 26 18.79 16.04 -26.75
C ASP B 26 18.49 16.71 -25.42
N PRO B 27 17.24 17.13 -25.20
CA PRO B 27 16.90 17.68 -23.87
C PRO B 27 17.18 16.72 -22.73
N SER B 28 16.82 15.45 -22.88
CA SER B 28 16.99 14.47 -21.80
C SER B 28 18.45 14.09 -21.57
N GLU B 29 19.38 14.57 -22.36
CA GLU B 29 20.78 14.22 -22.16
C GLU B 29 21.23 14.60 -20.75
N LYS B 30 21.92 13.67 -20.11
CA LYS B 30 22.38 13.88 -18.75
C LYS B 30 23.78 14.49 -18.79
N LEU B 31 23.91 15.70 -18.25
CA LEU B 31 25.15 16.45 -18.30
C LEU B 31 25.85 16.41 -16.94
N GLU B 32 27.19 16.36 -16.95
CA GLU B 32 27.93 16.44 -15.70
C GLU B 32 28.05 17.92 -15.31
N LEU B 33 27.47 18.29 -14.16
CA LEU B 33 27.31 19.70 -13.85
C LEU B 33 28.64 20.45 -13.94
N VAL B 34 29.65 19.97 -13.21
CA VAL B 34 31.01 20.40 -13.48
C VAL B 34 31.87 19.14 -13.57
N THR B 35 32.83 19.18 -14.49
CA THR B 35 33.55 17.98 -14.87
C THR B 35 34.27 17.39 -13.67
N GLY B 36 34.12 16.08 -13.45
CA GLY B 36 34.82 15.37 -12.40
C GLY B 36 34.10 15.28 -11.06
N THR B 37 32.95 15.95 -10.90
CA THR B 37 32.23 15.89 -9.64
C THR B 37 31.25 14.74 -9.51
N ASN B 38 30.89 14.08 -10.62
CA ASN B 38 29.96 12.96 -10.54
C ASN B 38 28.56 13.44 -10.09
N VAL B 39 28.12 14.57 -10.64
CA VAL B 39 26.78 15.09 -10.38
C VAL B 39 26.14 15.42 -11.72
N TYR B 40 24.95 14.87 -11.98
CA TYR B 40 24.37 14.90 -13.29
C TYR B 40 23.00 15.55 -13.28
N ILE B 41 22.67 16.22 -14.38
CA ILE B 41 21.39 16.91 -14.52
C ILE B 41 21.04 16.93 -16.01
N THR B 42 19.75 16.77 -16.33
CA THR B 42 19.35 16.84 -17.72
C THR B 42 19.58 18.25 -18.25
N ARG B 43 19.99 18.32 -19.52
CA ARG B 43 20.01 19.60 -20.21
C ARG B 43 18.72 20.37 -19.99
N ALA B 44 17.57 19.70 -20.12
CA ALA B 44 16.27 20.37 -19.99
C ALA B 44 16.08 20.99 -18.60
N GLN B 45 16.51 20.30 -17.54
CA GLN B 45 16.31 20.83 -16.21
C GLN B 45 17.32 21.93 -15.89
N LEU B 46 18.55 21.76 -16.37
CA LEU B 46 19.56 22.79 -16.20
C LEU B 46 19.17 24.05 -16.95
N ASN B 48 16.10 24.90 -17.65
CA ASN B 48 15.02 25.42 -16.83
C ASN B 48 15.55 26.29 -15.69
N CYS B 49 16.58 25.80 -14.98
CA CYS B 49 17.14 26.57 -13.86
C CYS B 49 17.63 27.93 -14.31
N HIS B 50 18.32 27.96 -15.45
CA HIS B 50 18.91 29.20 -15.94
C HIS B 50 17.85 30.17 -16.46
N VAL B 51 16.82 29.64 -17.15
CA VAL B 51 15.76 30.52 -17.63
C VAL B 51 15.01 31.15 -16.45
N SER B 52 14.74 30.37 -15.41
CA SER B 52 14.14 30.93 -14.20
C SER B 52 15.03 32.03 -13.60
N ALA B 53 16.33 31.76 -13.50
CA ALA B 53 17.23 32.65 -12.77
C ALA B 53 17.67 33.87 -13.57
N GLY B 54 17.82 33.72 -14.87
CA GLY B 54 18.35 34.81 -15.66
C GLY B 54 19.72 35.17 -15.16
N THR B 55 19.87 36.41 -14.72
CA THR B 55 21.14 36.94 -14.22
C THR B 55 21.37 36.65 -12.73
N ARG B 56 20.34 36.26 -11.99
CA ARG B 56 20.40 36.25 -10.52
C ARG B 56 21.05 34.97 -10.03
N HIS B 57 22.32 35.06 -9.62
CA HIS B 57 23.02 33.85 -9.23
C HIS B 57 22.41 33.20 -7.99
N LYS B 58 21.80 33.99 -7.10
CA LYS B 58 21.14 33.43 -5.91
C LYS B 58 19.92 32.58 -6.29
N VAL B 59 19.16 33.02 -7.29
CA VAL B 59 18.02 32.22 -7.74
C VAL B 59 18.51 30.97 -8.46
N LEU B 60 19.59 31.08 -9.23
CA LEU B 60 20.20 29.92 -9.87
C LEU B 60 20.57 28.84 -8.85
N LEU B 61 21.20 29.24 -7.74
CA LEU B 61 21.53 28.30 -6.69
C LEU B 61 20.27 27.61 -6.16
N ARG B 62 19.23 28.39 -5.89
CA ARG B 62 17.98 27.82 -5.38
C ARG B 62 17.37 26.82 -6.36
N ARG B 63 17.30 27.18 -7.65
CA ARG B 63 16.75 26.26 -8.64
C ARG B 63 17.53 24.96 -8.68
N LEU B 64 18.87 25.06 -8.70
CA LEU B 64 19.70 23.87 -8.79
C LEU B 64 19.50 22.96 -7.57
N LEU B 65 19.53 23.55 -6.38
CA LEU B 65 19.32 22.78 -5.16
C LEU B 65 17.96 22.07 -5.19
N ALA B 66 16.91 22.77 -5.61
CA ALA B 66 15.59 22.16 -5.74
C ALA B 66 15.54 21.14 -6.86
N SER B 67 16.48 21.17 -7.82
CA SER B 67 16.54 20.10 -8.80
C SER B 67 17.08 18.78 -8.24
N PHE B 68 17.67 18.79 -7.04
CA PHE B 68 18.24 17.58 -6.45
C PHE B 68 17.57 17.17 -5.14
N PHE B 69 16.91 18.09 -4.44
CA PHE B 69 16.42 17.87 -3.09
C PHE B 69 14.97 18.31 -3.04
N ASP B 70 14.06 17.36 -2.79
CA ASP B 70 12.66 17.69 -2.70
C ASP B 70 12.34 18.30 -1.34
N ARG B 71 11.11 18.79 -1.19
CA ARG B 71 10.76 19.52 0.02
C ARG B 71 11.02 18.68 1.28
N ASN B 72 10.78 17.37 1.21
CA ASN B 72 10.96 16.54 2.40
C ASN B 72 12.44 16.33 2.74
N THR B 73 13.30 16.11 1.74
CA THR B 73 14.74 16.09 2.04
C THR B 73 15.18 17.42 2.66
N LEU B 74 14.74 18.55 2.08
CA LEU B 74 15.15 19.83 2.65
C LEU B 74 14.70 19.97 4.09
N ALA B 75 13.45 19.59 4.38
CA ALA B 75 12.93 19.75 5.73
C ALA B 75 13.70 18.90 6.74
N ASN B 76 14.18 17.73 6.32
CA ASN B 76 14.88 16.85 7.25
C ASN B 76 16.39 16.98 7.16
N SER B 77 16.89 18.09 6.63
CA SER B 77 18.32 18.32 6.48
C SER B 77 18.76 19.55 7.27
N CYS B 78 20.04 19.60 7.60
CA CYS B 78 20.60 20.76 8.29
C CYS B 78 21.43 21.63 7.35
N GLY B 79 20.90 21.89 6.15
CA GLY B 79 21.64 22.67 5.17
C GLY B 79 22.97 22.01 4.84
N THR B 80 23.95 22.86 4.57
CA THR B 80 25.30 22.37 4.30
C THR B 80 25.81 21.47 5.42
N GLY B 81 25.40 21.73 6.66
CA GLY B 81 25.80 20.90 7.78
C GLY B 81 27.24 21.06 8.21
N ILE B 82 27.83 22.25 8.01
CA ILE B 82 29.14 22.52 8.58
C ILE B 82 29.14 22.21 10.07
N ARG B 83 28.07 22.58 10.76
CA ARG B 83 27.77 22.09 12.09
C ARG B 83 26.50 21.25 12.06
N SER B 84 26.33 20.43 13.09
CA SER B 84 25.12 19.64 13.18
C SER B 84 23.95 20.51 13.62
N SER B 85 22.75 20.02 13.37
CA SER B 85 21.55 20.76 13.73
C SER B 85 21.58 21.18 15.20
N THR B 86 21.05 22.38 15.44
CA THR B 86 20.96 22.98 16.77
C THR B 86 19.73 22.52 17.56
N ASN B 87 18.69 22.02 16.89
CA ASN B 87 17.46 21.65 17.57
C ASN B 87 16.93 20.25 17.23
N ASP B 88 17.56 19.53 16.29
CA ASP B 88 17.14 18.18 15.96
C ASP B 88 18.31 17.44 15.33
N PRO B 89 19.13 16.73 16.12
CA PRO B 89 20.36 16.14 15.59
C PRO B 89 20.16 14.90 14.72
N ARG B 90 18.92 14.46 14.51
CA ARG B 90 18.64 13.44 13.52
C ARG B 90 18.74 13.95 12.07
N ARG B 91 18.99 15.24 11.85
CA ARG B 91 19.01 15.78 10.50
C ARG B 91 20.40 15.65 9.91
N LYS B 92 20.48 15.05 8.74
CA LYS B 92 21.75 14.90 8.06
C LYS B 92 22.05 16.13 7.20
N PRO B 93 23.32 16.42 6.94
CA PRO B 93 23.63 17.45 5.96
C PRO B 93 23.05 17.10 4.60
N LEU B 94 22.80 18.13 3.80
CA LEU B 94 22.49 17.90 2.40
C LEU B 94 23.68 17.22 1.74
N ASP B 95 23.40 16.33 0.80
CA ASP B 95 24.39 15.54 0.10
C ASP B 95 25.58 16.42 -0.32
N SER B 96 26.74 16.15 0.25
CA SER B 96 27.84 17.10 0.13
C SER B 96 28.50 17.04 -1.24
N ARG B 97 28.42 15.90 -1.93
CA ARG B 97 28.87 15.83 -3.32
C ARG B 97 28.03 16.72 -4.21
N VAL B 98 26.70 16.72 -4.00
CA VAL B 98 25.82 17.61 -4.75
C VAL B 98 26.11 19.06 -4.41
N LEU B 99 26.22 19.37 -3.11
CA LEU B 99 26.44 20.75 -2.70
C LEU B 99 27.75 21.28 -3.25
N HIS B 100 28.80 20.48 -3.17
CA HIS B 100 30.07 20.87 -3.75
C HIS B 100 29.90 21.23 -5.21
N ALA B 101 29.18 20.40 -5.97
CA ALA B 101 29.09 20.63 -7.40
C ALA B 101 28.20 21.83 -7.71
N VAL B 102 27.08 21.97 -7.00
CA VAL B 102 26.20 23.11 -7.27
C VAL B 102 26.91 24.43 -6.96
N LYS B 103 27.64 24.48 -5.84
CA LYS B 103 28.29 25.72 -5.42
C LYS B 103 29.47 26.08 -6.32
N TYR B 104 30.25 25.07 -6.73
CA TYR B 104 31.31 25.26 -7.72
C TYR B 104 30.73 25.83 -9.01
N TYR B 105 29.63 25.23 -9.48
CA TYR B 105 28.98 25.72 -10.69
C TYR B 105 28.49 27.16 -10.55
N CYS B 106 27.89 27.50 -9.40
CA CYS B 106 27.38 28.86 -9.25
C CYS B 106 28.50 29.86 -9.09
N GLN B 107 29.61 29.47 -8.47
CA GLN B 107 30.76 30.37 -8.43
C GLN B 107 31.40 30.55 -9.82
N ASN B 108 31.42 29.49 -10.66
CA ASN B 108 31.85 29.70 -12.04
C ASN B 108 30.93 30.68 -12.73
N PHE B 109 29.62 30.55 -12.46
CA PHE B 109 28.64 31.45 -13.04
C PHE B 109 28.86 32.88 -12.57
N ALA B 110 29.28 33.06 -11.32
CA ALA B 110 29.32 34.38 -10.69
C ALA B 110 30.48 34.37 -9.69
N PRO B 111 31.70 34.69 -10.13
CA PRO B 111 32.88 34.43 -9.30
C PRO B 111 32.93 35.19 -7.98
N ASN B 112 32.12 36.24 -7.81
CA ASN B 112 32.11 36.96 -6.53
C ASN B 112 31.00 36.49 -5.57
N PHE B 113 30.11 35.59 -6.01
CA PHE B 113 29.23 34.87 -5.10
C PHE B 113 30.08 34.18 -4.02
N LYS B 114 29.87 34.55 -2.76
CA LYS B 114 30.70 34.03 -1.67
C LYS B 114 30.12 32.75 -1.08
N GLU B 115 31.02 31.84 -0.70
CA GLU B 115 30.63 30.56 -0.13
C GLU B 115 29.70 30.73 1.07
N SER B 116 30.01 31.66 1.96
CA SER B 116 29.16 31.80 3.15
C SER B 116 27.75 32.23 2.79
N GLU B 117 27.57 32.97 1.69
CA GLU B 117 26.22 33.31 1.29
C GLU B 117 25.51 32.10 0.70
N ASN B 119 25.99 28.96 1.46
CA ASN B 119 25.58 28.10 2.56
C ASN B 119 24.35 28.67 3.27
N ALA B 120 24.29 29.99 3.44
CA ALA B 120 23.12 30.58 4.12
C ALA B 120 21.88 30.42 3.28
N ILE B 121 22.04 30.39 1.95
CA ILE B 121 20.91 30.08 1.07
C ILE B 121 20.51 28.61 1.19
N ALA B 122 21.50 27.71 1.30
CA ALA B 122 21.16 26.30 1.46
C ALA B 122 20.37 26.11 2.74
N ALA B 123 20.81 26.80 3.81
CA ALA B 123 20.14 26.71 5.09
C ALA B 123 18.71 27.26 5.02
N ASP B 124 18.53 28.38 4.29
CA ASP B 124 17.22 29.01 4.16
C ASP B 124 16.24 28.13 3.40
N CYS B 126 16.11 24.91 3.69
CA CYS B 126 15.67 23.94 4.68
C CYS B 126 14.71 24.57 5.69
N THR B 127 14.97 25.80 6.13
CA THR B 127 14.02 26.45 7.01
C THR B 127 12.69 26.70 6.30
N ASN B 128 12.75 27.07 5.01
CA ASN B 128 11.52 27.28 4.27
C ASN B 128 10.74 25.98 4.14
N ALA B 129 11.43 24.88 3.83
CA ALA B 129 10.72 23.62 3.69
C ALA B 129 10.00 23.24 5.00
N ARG B 130 10.61 23.59 6.15
CA ARG B 130 10.02 23.25 7.45
C ARG B 130 8.87 24.19 7.80
N ARG B 131 8.98 25.48 7.48
CA ARG B 131 7.90 26.39 7.82
C ARG B 131 6.63 26.12 7.03
N VAL B 132 6.68 25.27 6.00
CA VAL B 132 5.55 24.98 5.11
C VAL B 132 4.92 23.63 5.46
N VAL B 133 5.73 22.66 5.88
CA VAL B 133 5.21 21.36 6.31
C VAL B 133 4.23 21.59 7.45
N ARG B 134 3.01 21.10 7.26
CA ARG B 134 1.98 21.24 8.28
C ARG B 134 2.26 20.26 9.43
N LYS B 135 2.29 20.80 10.65
CA LYS B 135 2.43 19.95 11.81
C LYS B 135 1.19 19.07 11.99
N SER B 136 1.33 18.04 12.82
CA SER B 136 0.18 17.21 13.14
C SER B 136 -0.74 17.95 14.11
N TRP B 137 -2.04 17.73 13.95
CA TRP B 137 -2.98 18.35 14.87
C TRP B 137 -3.14 17.57 16.16
N PRO B 139 -2.27 16.24 19.97
CA PRO B 139 -1.80 16.97 21.15
C PRO B 139 -0.31 16.82 21.35
N ILE C 10 -18.88 -30.47 -5.78
CA ILE C 10 -17.75 -31.40 -5.77
C ILE C 10 -17.14 -31.47 -4.37
N ASN C 11 -16.37 -32.54 -4.11
CA ASN C 11 -16.02 -32.93 -2.74
C ASN C 11 -14.99 -32.01 -2.09
N GLN C 12 -14.24 -31.23 -2.85
CA GLN C 12 -13.16 -30.44 -2.26
C GLN C 12 -13.52 -28.96 -2.05
N ILE C 13 -14.66 -28.49 -2.58
CA ILE C 13 -15.02 -27.08 -2.38
C ILE C 13 -16.47 -26.90 -1.91
N GLY C 14 -17.26 -27.98 -1.95
CA GLY C 14 -18.68 -27.87 -1.63
C GLY C 14 -18.99 -27.37 -0.23
N ASN C 15 -18.03 -27.49 0.71
CA ASN C 15 -18.19 -27.05 2.10
C ASN C 15 -17.47 -25.74 2.40
N ARG C 16 -16.76 -25.15 1.44
CA ARG C 16 -16.02 -23.91 1.67
C ARG C 16 -16.33 -22.86 0.62
N CYS C 17 -17.44 -23.00 -0.08
CA CYS C 17 -17.87 -22.10 -1.14
C CYS C 17 -19.26 -21.58 -0.80
N HIS C 18 -19.81 -20.74 -1.67
CA HIS C 18 -21.12 -20.19 -1.41
C HIS C 18 -22.14 -21.33 -1.27
N PRO C 19 -22.93 -21.35 -0.19
CA PRO C 19 -23.82 -22.49 0.06
C PRO C 19 -24.80 -22.78 -1.06
N LYS C 20 -25.20 -21.76 -1.82
CA LYS C 20 -26.19 -21.98 -2.86
C LYS C 20 -25.58 -22.02 -4.26
N LEU C 21 -24.25 -22.18 -4.36
CA LEU C 21 -23.61 -22.26 -5.66
C LEU C 21 -24.03 -23.52 -6.39
N TYR C 22 -23.85 -24.69 -5.76
CA TYR C 22 -24.05 -25.95 -6.45
C TYR C 22 -25.51 -26.39 -6.48
N ASP C 23 -26.25 -26.24 -5.37
CA ASP C 23 -27.65 -26.65 -5.38
C ASP C 23 -28.36 -25.96 -6.54
N GLU C 24 -29.27 -26.70 -7.17
CA GLU C 24 -29.82 -26.34 -8.47
C GLU C 24 -30.41 -24.93 -8.45
N GLY C 25 -30.36 -24.29 -9.61
CA GLY C 25 -30.87 -22.94 -9.73
C GLY C 25 -30.50 -22.36 -11.07
N ASP C 26 -31.15 -21.26 -11.40
CA ASP C 26 -30.87 -20.61 -12.66
C ASP C 26 -29.49 -19.95 -12.60
N PRO C 27 -28.69 -20.05 -13.67
CA PRO C 27 -27.31 -19.57 -13.60
C PRO C 27 -27.19 -18.07 -13.50
N SER C 28 -28.24 -17.32 -13.85
CA SER C 28 -28.18 -15.87 -13.86
C SER C 28 -28.63 -15.25 -12.54
N GLU C 29 -29.02 -16.07 -11.57
CA GLU C 29 -29.49 -15.57 -10.28
C GLU C 29 -28.33 -14.96 -9.49
N LYS C 30 -28.51 -13.72 -9.04
CA LYS C 30 -27.46 -13.02 -8.32
C LYS C 30 -27.37 -13.53 -6.89
N LEU C 31 -26.23 -14.13 -6.55
CA LEU C 31 -25.91 -14.50 -5.18
C LEU C 31 -25.19 -13.35 -4.49
N GLU C 32 -25.45 -13.17 -3.20
CA GLU C 32 -24.63 -12.31 -2.36
C GLU C 32 -23.38 -13.09 -2.01
N LEU C 33 -22.21 -12.52 -2.34
CA LEU C 33 -20.97 -13.30 -2.27
C LEU C 33 -20.70 -13.74 -0.85
N VAL C 34 -20.75 -12.80 0.09
CA VAL C 34 -20.64 -13.07 1.52
C VAL C 34 -21.82 -12.36 2.18
N THR C 35 -22.42 -13.02 3.18
CA THR C 35 -23.70 -12.56 3.69
C THR C 35 -23.55 -11.17 4.34
N GLY C 36 -24.46 -10.25 4.01
CA GLY C 36 -24.41 -8.92 4.54
C GLY C 36 -23.48 -7.94 3.84
N THR C 37 -22.72 -8.36 2.83
CA THR C 37 -21.76 -7.45 2.20
C THR C 37 -22.36 -6.63 1.08
N ASN C 38 -23.55 -6.97 0.62
CA ASN C 38 -24.21 -6.24 -0.47
C ASN C 38 -23.32 -6.22 -1.73
N VAL C 39 -22.58 -7.31 -1.94
CA VAL C 39 -21.78 -7.54 -3.14
C VAL C 39 -22.31 -8.80 -3.80
N TYR C 40 -22.87 -8.65 -4.99
CA TYR C 40 -23.55 -9.74 -5.68
C TYR C 40 -22.81 -10.18 -6.93
N ILE C 41 -22.93 -11.47 -7.21
CA ILE C 41 -22.32 -12.13 -8.35
C ILE C 41 -23.29 -13.20 -8.84
N THR C 42 -23.41 -13.33 -10.17
CA THR C 42 -24.27 -14.39 -10.69
C THR C 42 -23.68 -15.74 -10.34
N ARG C 43 -24.55 -16.75 -10.25
CA ARG C 43 -24.09 -18.11 -9.98
C ARG C 43 -23.20 -18.61 -11.10
N ALA C 44 -23.51 -18.22 -12.35
CA ALA C 44 -22.71 -18.63 -13.50
C ALA C 44 -21.28 -18.10 -13.39
N GLN C 45 -21.14 -16.78 -13.14
CA GLN C 45 -19.80 -16.21 -12.94
C GLN C 45 -19.08 -16.85 -11.76
N LEU C 46 -19.76 -16.98 -10.61
CA LEU C 46 -19.13 -17.59 -9.45
C LEU C 46 -18.68 -19.03 -9.74
N ASN C 48 -17.93 -20.31 -12.68
CA ASN C 48 -16.79 -20.25 -13.59
C ASN C 48 -15.48 -20.03 -12.83
N CYS C 49 -15.45 -19.03 -11.94
CA CYS C 49 -14.26 -18.80 -11.10
C CYS C 49 -13.83 -20.07 -10.41
N HIS C 50 -14.78 -20.74 -9.74
CA HIS C 50 -14.41 -21.93 -8.96
C HIS C 50 -13.90 -23.06 -9.87
N VAL C 51 -14.54 -23.26 -11.02
CA VAL C 51 -14.10 -24.31 -11.94
C VAL C 51 -12.73 -23.96 -12.50
N SER C 52 -12.58 -22.74 -13.02
CA SER C 52 -11.27 -22.34 -13.55
C SER C 52 -10.19 -22.52 -12.50
N ALA C 53 -10.47 -22.13 -11.25
CA ALA C 53 -9.45 -22.16 -10.21
C ALA C 53 -9.33 -23.51 -9.53
N GLY C 54 -10.41 -24.27 -9.48
CA GLY C 54 -10.43 -25.52 -8.72
C GLY C 54 -9.96 -25.34 -7.30
N THR C 55 -8.76 -25.85 -7.01
CA THR C 55 -8.21 -25.90 -5.66
C THR C 55 -7.25 -24.75 -5.37
N ARG C 56 -6.67 -24.13 -6.39
CA ARG C 56 -5.68 -23.08 -6.16
C ARG C 56 -6.40 -21.82 -5.69
N HIS C 57 -6.16 -21.43 -4.43
CA HIS C 57 -6.88 -20.29 -3.86
C HIS C 57 -6.29 -18.96 -4.30
N LYS C 58 -5.01 -18.91 -4.67
CA LYS C 58 -4.50 -17.68 -5.24
C LYS C 58 -5.12 -17.43 -6.61
N VAL C 59 -5.44 -18.49 -7.35
CA VAL C 59 -6.10 -18.33 -8.64
C VAL C 59 -7.57 -17.92 -8.44
N LEU C 60 -8.23 -18.54 -7.45
CA LEU C 60 -9.62 -18.18 -7.12
C LEU C 60 -9.76 -16.68 -6.88
N LEU C 61 -8.84 -16.10 -6.11
CA LEU C 61 -8.83 -14.66 -5.86
C LEU C 61 -8.71 -13.89 -7.17
N ARG C 62 -7.76 -14.28 -8.01
CA ARG C 62 -7.57 -13.59 -9.29
C ARG C 62 -8.81 -13.71 -10.18
N ARG C 63 -9.42 -14.90 -10.22
CA ARG C 63 -10.65 -15.06 -10.99
C ARG C 63 -11.75 -14.15 -10.45
N LEU C 64 -11.89 -14.07 -9.12
CA LEU C 64 -12.94 -13.23 -8.55
C LEU C 64 -12.69 -11.75 -8.84
N LEU C 65 -11.45 -11.30 -8.67
CA LEU C 65 -11.15 -9.90 -8.96
C LEU C 65 -11.40 -9.59 -10.43
N ALA C 66 -11.00 -10.49 -11.33
CA ALA C 66 -11.21 -10.22 -12.75
C ALA C 66 -12.69 -10.27 -13.11
N SER C 67 -13.46 -11.13 -12.43
CA SER C 67 -14.90 -11.16 -12.62
C SER C 67 -15.54 -9.82 -12.28
N PHE C 68 -15.04 -9.12 -11.26
CA PHE C 68 -15.64 -7.84 -10.90
C PHE C 68 -15.00 -6.65 -11.63
N PHE C 69 -13.73 -6.73 -12.03
CA PHE C 69 -13.05 -5.55 -12.58
C PHE C 69 -12.38 -5.88 -13.91
N ASP C 70 -12.69 -5.09 -14.94
CA ASP C 70 -11.97 -5.27 -16.19
C ASP C 70 -10.56 -4.67 -16.08
N ARG C 71 -9.74 -5.01 -17.09
CA ARG C 71 -8.34 -4.57 -17.13
C ARG C 71 -8.22 -3.06 -16.97
N ASN C 72 -9.06 -2.31 -17.67
CA ASN C 72 -8.99 -0.86 -17.57
C ASN C 72 -9.18 -0.39 -16.12
N THR C 73 -10.19 -0.94 -15.43
CA THR C 73 -10.45 -0.55 -14.05
C THR C 73 -9.29 -0.94 -13.14
N LEU C 74 -8.73 -2.13 -13.34
CA LEU C 74 -7.55 -2.51 -12.57
C LEU C 74 -6.39 -1.58 -12.86
N ALA C 75 -6.16 -1.27 -14.14
CA ALA C 75 -5.04 -0.38 -14.49
C ALA C 75 -5.24 1.01 -13.91
N ASN C 76 -6.47 1.51 -13.89
CA ASN C 76 -6.69 2.87 -13.40
C ASN C 76 -6.70 2.96 -11.88
N SER C 77 -6.65 1.83 -11.17
CA SER C 77 -6.66 1.88 -9.71
C SER C 77 -5.31 2.36 -9.15
N LYS C 92 -7.99 6.36 -8.14
CA LYS C 92 -9.30 5.73 -8.36
C LYS C 92 -9.26 4.26 -7.94
N PRO C 93 -9.30 3.99 -6.64
CA PRO C 93 -9.01 2.64 -6.14
C PRO C 93 -10.18 1.69 -6.40
N LEU C 94 -9.87 0.40 -6.32
CA LEU C 94 -10.92 -0.60 -6.47
C LEU C 94 -11.96 -0.41 -5.38
N ASP C 95 -13.23 -0.65 -5.72
CA ASP C 95 -14.29 -0.53 -4.73
C ASP C 95 -14.00 -1.35 -3.48
N SER C 96 -14.01 -0.66 -2.34
CA SER C 96 -13.64 -1.27 -1.06
C SER C 96 -14.64 -2.33 -0.62
N ARG C 97 -15.93 -2.14 -0.87
CA ARG C 97 -16.93 -3.13 -0.51
C ARG C 97 -16.69 -4.44 -1.25
N VAL C 98 -16.42 -4.35 -2.56
CA VAL C 98 -16.11 -5.54 -3.37
C VAL C 98 -14.85 -6.20 -2.87
N LEU C 99 -13.80 -5.41 -2.65
CA LEU C 99 -12.52 -5.95 -2.20
C LEU C 99 -12.66 -6.64 -0.85
N HIS C 100 -13.44 -6.05 0.06
CA HIS C 100 -13.67 -6.68 1.35
C HIS C 100 -14.42 -7.99 1.17
N ALA C 101 -15.52 -7.94 0.41
CA ALA C 101 -16.33 -9.14 0.21
C ALA C 101 -15.51 -10.26 -0.42
N VAL C 102 -14.63 -9.91 -1.38
CA VAL C 102 -13.87 -10.94 -2.08
C VAL C 102 -12.81 -11.53 -1.16
N LYS C 103 -12.21 -10.70 -0.30
CA LYS C 103 -11.21 -11.22 0.61
C LYS C 103 -11.82 -12.11 1.69
N TYR C 104 -12.98 -11.75 2.26
CA TYR C 104 -13.61 -12.64 3.25
C TYR C 104 -13.96 -13.98 2.59
N TYR C 105 -14.56 -13.93 1.39
CA TYR C 105 -14.93 -15.15 0.69
C TYR C 105 -13.72 -16.04 0.45
N CYS C 106 -12.59 -15.45 0.08
CA CYS C 106 -11.41 -16.27 -0.14
C CYS C 106 -10.88 -16.80 1.19
N GLN C 107 -11.07 -16.06 2.28
CA GLN C 107 -10.63 -16.55 3.57
C GLN C 107 -11.50 -17.71 4.04
N ASN C 108 -12.83 -17.61 3.86
CA ASN C 108 -13.68 -18.78 4.11
C ASN C 108 -13.18 -19.98 3.33
N PHE C 109 -12.80 -19.77 2.07
CA PHE C 109 -12.38 -20.84 1.20
C PHE C 109 -11.05 -21.45 1.66
N ALA C 110 -10.17 -20.64 2.23
CA ALA C 110 -8.83 -21.09 2.61
C ALA C 110 -8.38 -20.26 3.81
N PRO C 111 -8.54 -20.79 5.03
CA PRO C 111 -8.36 -19.95 6.24
C PRO C 111 -6.93 -19.44 6.46
N ASN C 112 -5.93 -20.03 5.82
CA ASN C 112 -4.54 -19.66 6.06
C ASN C 112 -4.03 -18.56 5.12
N PHE C 113 -4.87 -18.13 4.17
CA PHE C 113 -4.60 -17.06 3.23
C PHE C 113 -4.47 -15.73 3.99
N LYS C 114 -3.28 -15.16 4.04
CA LYS C 114 -3.07 -13.96 4.85
C LYS C 114 -3.47 -12.71 4.07
N GLU C 115 -4.07 -11.75 4.79
CA GLU C 115 -4.56 -10.54 4.14
C GLU C 115 -3.44 -9.77 3.42
N SER C 116 -2.19 -9.96 3.85
CA SER C 116 -1.09 -9.26 3.19
C SER C 116 -0.73 -9.91 1.85
N GLU C 117 -0.99 -11.21 1.70
CA GLU C 117 -0.71 -11.86 0.44
C GLU C 117 -1.85 -11.67 -0.55
N ASN C 119 -3.76 -8.86 -0.56
CA ASN C 119 -3.46 -7.49 -1.01
C ASN C 119 -2.30 -7.46 -2.00
N ALA C 120 -1.34 -8.38 -1.85
CA ALA C 120 -0.23 -8.44 -2.79
C ALA C 120 -0.69 -8.88 -4.17
N ILE C 121 -1.50 -9.95 -4.22
CA ILE C 121 -2.03 -10.44 -5.49
C ILE C 121 -2.87 -9.36 -6.16
N ALA C 122 -3.64 -8.60 -5.38
CA ALA C 122 -4.46 -7.54 -5.94
C ALA C 122 -3.60 -6.40 -6.47
N ALA C 123 -2.56 -6.02 -5.73
CA ALA C 123 -1.64 -5.01 -6.24
C ALA C 123 -0.96 -5.49 -7.51
N ASP C 124 -0.55 -6.76 -7.54
CA ASP C 124 0.14 -7.31 -8.71
C ASP C 124 -0.76 -7.29 -9.94
N CYS C 126 -3.18 -5.21 -10.63
CA CYS C 126 -3.28 -3.83 -11.12
C CYS C 126 -2.00 -3.45 -11.86
N THR C 127 -0.85 -3.89 -11.36
CA THR C 127 0.41 -3.62 -12.03
C THR C 127 0.44 -4.26 -13.41
N ASN C 128 0.03 -5.53 -13.51
CA ASN C 128 0.08 -6.23 -14.78
C ASN C 128 -0.92 -5.66 -15.78
N ALA C 129 -2.08 -5.21 -15.29
CA ALA C 129 -3.04 -4.53 -16.15
C ALA C 129 -2.46 -3.26 -16.76
N ARG C 130 -1.86 -2.41 -15.91
CA ARG C 130 -1.28 -1.17 -16.39
C ARG C 130 -0.29 -1.42 -17.52
N ARG C 131 0.51 -2.47 -17.39
CA ARG C 131 1.54 -2.77 -18.37
C ARG C 131 0.92 -3.29 -19.67
N VAL C 132 -0.16 -4.06 -19.56
CA VAL C 132 -0.82 -4.61 -20.74
C VAL C 132 -1.58 -3.52 -21.50
N VAL C 133 -2.24 -2.59 -20.79
CA VAL C 133 -3.03 -1.58 -21.50
C VAL C 133 -2.14 -0.63 -22.28
N ARG C 134 -0.93 -0.33 -21.79
CA ARG C 134 -0.08 0.62 -22.49
C ARG C 134 0.49 0.06 -23.78
N LYS C 135 0.61 -1.27 -23.90
CA LYS C 135 0.84 -1.89 -25.21
C LYS C 135 -0.38 -1.75 -26.10
N SER C 136 -0.71 -0.51 -26.50
CA SER C 136 -1.92 -0.21 -27.28
C SER C 136 -3.19 -0.71 -26.57
N ILE D 10 10.16 -4.92 9.86
CA ILE D 10 11.31 -4.87 8.97
C ILE D 10 12.03 -3.52 8.99
N ASN D 11 11.50 -2.57 9.75
CA ASN D 11 11.82 -1.17 9.54
C ASN D 11 12.86 -0.66 10.54
N GLN D 12 13.98 -1.35 10.54
CA GLN D 12 15.25 -0.78 10.95
C GLN D 12 16.00 -0.20 9.75
N ILE D 13 15.34 -0.03 8.61
CA ILE D 13 16.00 0.49 7.41
C ILE D 13 15.10 1.51 6.71
N GLY D 14 13.89 1.71 7.22
CA GLY D 14 12.93 2.59 6.55
C GLY D 14 13.40 4.02 6.40
N ASN D 15 14.34 4.45 7.24
CA ASN D 15 14.98 5.76 7.14
C ASN D 15 16.23 5.73 6.26
N ARG D 16 17.04 4.69 6.41
CA ARG D 16 18.34 4.62 5.77
C ARG D 16 18.46 4.08 4.37
N CYS D 17 17.32 3.89 3.75
CA CYS D 17 17.21 3.37 2.40
C CYS D 17 16.80 4.47 1.43
N HIS D 18 16.54 4.08 0.21
CA HIS D 18 16.05 5.03 -0.78
C HIS D 18 14.68 5.56 -0.32
N PRO D 19 14.50 6.89 -0.27
CA PRO D 19 13.20 7.43 0.17
C PRO D 19 12.02 6.91 -0.60
N LYS D 20 12.14 6.76 -1.92
CA LYS D 20 11.02 6.29 -2.74
C LYS D 20 10.86 4.78 -2.70
N LEU D 21 11.76 4.05 -2.04
CA LEU D 21 11.42 2.71 -1.59
C LEU D 21 10.43 2.84 -0.45
N TYR D 22 9.51 1.88 -0.34
CA TYR D 22 8.40 1.95 0.60
C TYR D 22 7.41 3.03 0.20
N ASP D 23 7.49 3.43 -1.06
CA ASP D 23 6.49 4.30 -1.67
C ASP D 23 5.73 3.45 -2.67
N GLU D 24 4.41 3.64 -2.70
CA GLU D 24 3.56 2.89 -3.61
C GLU D 24 3.94 3.20 -5.05
N GLY D 25 4.20 2.15 -5.83
CA GLY D 25 4.50 2.36 -7.22
C GLY D 25 4.87 1.06 -7.90
N ASP D 26 4.97 1.16 -9.23
CA ASP D 26 5.37 0.07 -10.09
C ASP D 26 6.64 -0.60 -9.56
N PRO D 27 6.67 -1.94 -9.45
CA PRO D 27 7.93 -2.61 -9.08
C PRO D 27 9.04 -2.41 -10.09
N SER D 28 8.72 -2.17 -11.37
CA SER D 28 9.75 -1.97 -12.38
C SER D 28 10.09 -0.50 -12.61
N GLU D 29 9.60 0.41 -11.77
CA GLU D 29 10.00 1.82 -11.83
C GLU D 29 11.51 1.96 -11.62
N LYS D 30 12.18 2.65 -12.53
CA LYS D 30 13.60 2.90 -12.36
C LYS D 30 13.82 4.00 -11.31
N LEU D 31 14.53 3.66 -10.25
CA LEU D 31 14.89 4.60 -9.21
C LEU D 31 16.34 5.03 -9.37
N GLU D 32 16.61 6.32 -9.21
CA GLU D 32 17.98 6.80 -9.10
C GLU D 32 18.53 6.37 -7.76
N LEU D 33 19.64 5.63 -7.75
CA LEU D 33 20.09 5.03 -6.48
C LEU D 33 20.51 6.10 -5.47
N VAL D 34 21.32 7.06 -5.89
CA VAL D 34 21.74 8.20 -5.07
C VAL D 34 21.54 9.46 -5.90
N THR D 35 21.17 10.58 -5.26
CA THR D 35 20.77 11.75 -6.03
C THR D 35 21.91 12.28 -6.92
N GLY D 36 21.59 12.61 -8.17
CA GLY D 36 22.56 13.18 -9.08
C GLY D 36 23.57 12.23 -9.69
N THR D 37 23.52 10.92 -9.38
CA THR D 37 24.52 9.98 -9.91
C THR D 37 24.18 9.44 -11.28
N ASN D 38 22.91 9.53 -11.69
CA ASN D 38 22.45 8.99 -12.98
C ASN D 38 22.74 7.49 -13.08
N VAL D 39 22.61 6.80 -11.95
CA VAL D 39 22.78 5.36 -11.86
C VAL D 39 21.46 4.81 -11.34
N TYR D 40 20.75 4.06 -12.17
CA TYR D 40 19.38 3.68 -11.90
C TYR D 40 19.26 2.18 -11.63
N ILE D 41 18.28 1.84 -10.79
CA ILE D 41 17.93 0.48 -10.42
C ILE D 41 16.42 0.40 -10.26
N THR D 42 15.82 -0.70 -10.69
CA THR D 42 14.37 -0.83 -10.52
C THR D 42 14.04 -0.99 -9.04
N ARG D 43 12.84 -0.53 -8.65
CA ARG D 43 12.42 -0.70 -7.27
C ARG D 43 12.46 -2.17 -6.85
N ALA D 44 12.10 -3.08 -7.78
CA ALA D 44 12.06 -4.49 -7.42
C ALA D 44 13.46 -5.02 -7.12
N GLN D 45 14.44 -4.68 -7.98
CA GLN D 45 15.81 -5.11 -7.69
C GLN D 45 16.31 -4.53 -6.37
N LEU D 46 15.97 -3.27 -6.08
CA LEU D 46 16.43 -2.64 -4.84
C LEU D 46 15.77 -3.29 -3.62
N ASN D 48 14.59 -6.41 -3.38
CA ASN D 48 15.23 -7.72 -3.25
C ASN D 48 16.55 -7.60 -2.49
N CYS D 49 17.37 -6.59 -2.82
CA CYS D 49 18.64 -6.39 -2.11
C CYS D 49 18.42 -6.11 -0.63
N HIS D 50 17.43 -5.29 -0.29
CA HIS D 50 17.28 -4.93 1.12
C HIS D 50 16.68 -6.07 1.92
N VAL D 51 15.68 -6.76 1.36
CA VAL D 51 15.07 -7.88 2.08
C VAL D 51 16.09 -8.99 2.32
N SER D 52 16.82 -9.37 1.27
CA SER D 52 17.85 -10.40 1.40
C SER D 52 18.91 -10.01 2.43
N ALA D 53 19.35 -8.75 2.42
CA ALA D 53 20.46 -8.34 3.27
C ALA D 53 20.03 -8.02 4.71
N GLY D 54 18.80 -7.58 4.90
CA GLY D 54 18.38 -7.13 6.23
C GLY D 54 19.33 -6.07 6.80
N THR D 55 19.83 -6.33 8.00
CA THR D 55 20.72 -5.41 8.69
C THR D 55 22.16 -5.53 8.21
N ARG D 56 22.48 -6.60 7.49
CA ARG D 56 23.83 -6.88 7.03
C ARG D 56 24.31 -5.88 5.98
N HIS D 57 25.05 -4.84 6.38
CA HIS D 57 25.46 -3.84 5.40
C HIS D 57 26.57 -4.36 4.49
N LYS D 58 27.31 -5.37 4.93
CA LYS D 58 28.27 -5.99 4.02
C LYS D 58 27.56 -6.82 2.96
N VAL D 59 26.45 -7.46 3.34
CA VAL D 59 25.65 -8.23 2.39
C VAL D 59 24.92 -7.30 1.41
N LEU D 60 24.38 -6.18 1.91
CA LEU D 60 23.77 -5.17 1.03
C LEU D 60 24.72 -4.76 -0.10
N LEU D 61 25.94 -4.37 0.25
CA LEU D 61 26.94 -4.09 -0.76
C LEU D 61 27.09 -5.26 -1.74
N ARG D 62 27.11 -6.49 -1.22
CA ARG D 62 27.23 -7.66 -2.08
C ARG D 62 26.03 -7.76 -3.02
N ARG D 63 24.82 -7.66 -2.46
CA ARG D 63 23.61 -7.77 -3.27
C ARG D 63 23.56 -6.66 -4.33
N LEU D 64 23.90 -5.42 -3.94
CA LEU D 64 23.84 -4.33 -4.91
C LEU D 64 24.82 -4.56 -6.05
N LEU D 65 26.04 -4.99 -5.72
CA LEU D 65 27.03 -5.22 -6.77
C LEU D 65 26.62 -6.38 -7.67
N ALA D 66 26.06 -7.45 -7.08
CA ALA D 66 25.52 -8.55 -7.88
C ALA D 66 24.41 -8.06 -8.79
N SER D 67 23.61 -7.10 -8.31
CA SER D 67 22.47 -6.63 -9.07
C SER D 67 22.89 -5.89 -10.33
N PHE D 68 24.01 -5.14 -10.28
CA PHE D 68 24.48 -4.40 -11.44
C PHE D 68 25.37 -5.23 -12.37
N PHE D 69 26.09 -6.22 -11.83
CA PHE D 69 27.10 -6.95 -12.59
C PHE D 69 26.87 -8.45 -12.44
N ASP D 70 26.82 -9.16 -13.57
CA ASP D 70 26.76 -10.62 -13.52
C ASP D 70 28.16 -11.18 -13.31
N ARG D 71 28.24 -12.51 -13.18
CA ARG D 71 29.48 -13.17 -12.80
C ARG D 71 30.58 -12.91 -13.83
N ASN D 72 30.23 -12.93 -15.12
CA ASN D 72 31.21 -12.68 -16.17
C ASN D 72 31.83 -11.30 -16.04
N THR D 73 31.00 -10.26 -15.91
CA THR D 73 31.48 -8.89 -15.75
C THR D 73 32.38 -8.76 -14.53
N LEU D 74 31.93 -9.31 -13.39
CA LEU D 74 32.77 -9.28 -12.19
C LEU D 74 34.10 -9.98 -12.42
N ALA D 75 34.06 -11.17 -13.03
CA ALA D 75 35.26 -11.98 -13.17
C ALA D 75 36.31 -11.34 -14.09
N ASN D 76 35.89 -10.48 -15.02
CA ASN D 76 36.83 -9.83 -15.94
C ASN D 76 37.54 -8.61 -15.34
N SER D 77 37.33 -8.33 -14.05
CA SER D 77 38.04 -7.25 -13.35
C SER D 77 38.76 -7.83 -12.14
N PRO D 93 38.42 -3.52 -14.36
CA PRO D 93 37.89 -2.37 -13.62
C PRO D 93 36.35 -2.22 -13.76
N LEU D 94 35.63 -2.36 -12.64
CA LEU D 94 34.17 -2.23 -12.65
C LEU D 94 33.78 -0.77 -12.88
N ASP D 95 32.61 -0.58 -13.51
CA ASP D 95 32.14 0.77 -13.86
C ASP D 95 32.23 1.72 -12.66
N SER D 96 33.01 2.79 -12.84
CA SER D 96 33.28 3.69 -11.72
C SER D 96 32.02 4.39 -11.24
N ARG D 97 31.11 4.73 -12.15
CA ARG D 97 29.94 5.50 -11.72
C ARG D 97 28.96 4.63 -10.95
N VAL D 98 28.81 3.37 -11.35
CA VAL D 98 28.03 2.42 -10.56
C VAL D 98 28.67 2.22 -9.20
N LEU D 99 30.00 2.04 -9.18
CA LEU D 99 30.71 1.79 -7.93
C LEU D 99 30.57 2.96 -6.98
N HIS D 100 30.82 4.17 -7.47
CA HIS D 100 30.62 5.37 -6.67
C HIS D 100 29.22 5.39 -6.08
N ALA D 101 28.21 5.18 -6.92
CA ALA D 101 26.83 5.28 -6.46
C ALA D 101 26.51 4.21 -5.43
N VAL D 102 27.00 2.99 -5.63
CA VAL D 102 26.70 1.94 -4.66
C VAL D 102 27.39 2.20 -3.32
N LYS D 103 28.64 2.67 -3.37
CA LYS D 103 29.36 2.97 -2.14
C LYS D 103 28.73 4.16 -1.40
N TYR D 104 28.37 5.23 -2.12
CA TYR D 104 27.60 6.31 -1.48
C TYR D 104 26.34 5.76 -0.82
N TYR D 105 25.60 4.91 -1.55
CA TYR D 105 24.36 4.37 -1.02
C TYR D 105 24.60 3.56 0.25
N CYS D 106 25.63 2.70 0.25
CA CYS D 106 25.85 1.83 1.41
C CYS D 106 26.46 2.61 2.56
N GLN D 107 27.24 3.66 2.28
CA GLN D 107 27.77 4.47 3.37
C GLN D 107 26.67 5.28 4.06
N ASN D 108 25.65 5.69 3.30
CA ASN D 108 24.48 6.28 3.93
C ASN D 108 23.70 5.25 4.74
N PHE D 109 23.66 4.02 4.25
CA PHE D 109 22.99 2.94 4.98
C PHE D 109 23.67 2.67 6.32
N ALA D 110 25.00 2.70 6.34
CA ALA D 110 25.77 2.38 7.52
C ALA D 110 27.01 3.27 7.47
N PRO D 111 26.95 4.43 8.14
CA PRO D 111 28.14 5.30 8.14
C PRO D 111 29.35 4.66 8.82
N ASN D 112 29.13 3.56 9.56
CA ASN D 112 30.21 2.69 10.04
C ASN D 112 31.13 2.20 8.92
N PHE D 113 30.61 2.11 7.69
CA PHE D 113 31.26 1.36 6.63
C PHE D 113 32.51 2.06 6.14
N LYS D 114 33.67 1.46 6.37
CA LYS D 114 34.93 2.05 5.93
C LYS D 114 35.10 1.83 4.43
N GLU D 115 35.60 2.86 3.75
CA GLU D 115 35.82 2.76 2.31
C GLU D 115 36.82 1.68 1.96
N SER D 116 37.75 1.36 2.88
CA SER D 116 38.74 0.33 2.56
C SER D 116 38.09 -1.04 2.44
N GLU D 117 37.19 -1.40 3.36
CA GLU D 117 36.57 -2.72 3.30
C GLU D 117 35.51 -2.81 2.21
N ASN D 119 35.90 -1.56 -1.00
CA ASN D 119 36.71 -2.03 -2.12
C ASN D 119 37.28 -3.43 -1.85
N ALA D 120 37.36 -3.84 -0.59
CA ALA D 120 37.74 -5.22 -0.29
C ALA D 120 36.65 -6.19 -0.71
N ILE D 121 35.41 -5.91 -0.31
CA ILE D 121 34.26 -6.73 -0.67
C ILE D 121 34.11 -6.78 -2.19
N ALA D 122 34.44 -5.70 -2.88
CA ALA D 122 34.28 -5.67 -4.33
C ALA D 122 35.36 -6.46 -5.04
N ALA D 123 36.61 -6.31 -4.61
CA ALA D 123 37.67 -7.17 -5.14
C ALA D 123 37.40 -8.63 -4.82
N ASP D 124 36.89 -8.90 -3.62
CA ASP D 124 36.68 -10.29 -3.19
C ASP D 124 35.68 -11.00 -4.10
N CYS D 126 35.12 -10.23 -7.28
CA CYS D 126 35.78 -10.41 -8.57
C CYS D 126 36.68 -11.63 -8.55
N THR D 127 37.37 -11.86 -7.42
CA THR D 127 38.11 -13.11 -7.24
C THR D 127 37.17 -14.32 -7.27
N ASN D 128 36.12 -14.28 -6.44
CA ASN D 128 35.17 -15.40 -6.37
C ASN D 128 34.62 -15.76 -7.75
N ALA D 129 34.40 -14.76 -8.59
CA ALA D 129 33.74 -15.02 -9.86
C ALA D 129 34.69 -15.65 -10.87
N ARG D 130 35.97 -15.28 -10.86
CA ARG D 130 36.94 -15.91 -11.75
C ARG D 130 36.93 -17.42 -11.57
N ARG D 131 37.11 -17.89 -10.32
CA ARG D 131 37.12 -19.32 -10.04
C ARG D 131 35.89 -20.00 -10.60
N VAL D 132 34.70 -19.50 -10.26
CA VAL D 132 33.46 -20.15 -10.62
C VAL D 132 33.01 -19.72 -12.02
#